data_3KCY
#
_entry.id   3KCY
#
_cell.length_a   86.912
_cell.length_b   86.912
_cell.length_c   144.559
_cell.angle_alpha   90.000
_cell.angle_beta   90.000
_cell.angle_gamma   90.000
#
_symmetry.space_group_name_H-M   'P 41 21 2'
#
loop_
_entity.id
_entity.type
_entity.pdbx_description
1 polymer 'Hypoxia-inducible factor 1-alpha inhibitor'
2 non-polymer 'FE (II) ION'
3 non-polymer 'SULFATE ION'
4 non-polymer quinolin-8-ol
5 water water
#
_entity_poly.entity_id   1
_entity_poly.type   'polypeptide(L)'
_entity_poly.pdbx_seq_one_letter_code
;EPREEAGALGPAWDESQLRSYSFPTRPIPRLSQSDPRAEELIENEEPVVLTDTNLVYPALKWDLEYLQENIGNGDFSVYS
ASTHKFLYYDEKKMANFQNFKPRSNREEMKFHEFVEKLQDIQQRGGEERLYLQQTLNDTVGRKIVMDFLGFNWNWINKQQ
GKRGWGQLTSNLLLIGMEGNVTPAHYDEQQNFFAQIKGYKRCILFPPDQFECLYPYPVHHPCDRQSQVDFDNPDYERFPN
FQNVVGYETVVGPGDVLYIPMYWWHHIESLLNGGITITVNFWYKGAPTPKRIEYPLKAHQKVAIMRNIEKMLGEALGNPQ
EVGPLLNTMIKGRYN
;
_entity_poly.pdbx_strand_id   A
#
loop_
_chem_comp.id
_chem_comp.type
_chem_comp.name
_chem_comp.formula
FE2 non-polymer 'FE (II) ION' 'Fe 2'
HQY non-polymer quinolin-8-ol 'C9 H7 N O'
SO4 non-polymer 'SULFATE ION' 'O4 S -2'
#
# COMPACT_ATOMS: atom_id res chain seq x y z
N GLU A 1 10.89 17.22 8.06
CA GLU A 1 10.56 18.45 8.86
C GLU A 1 9.04 18.53 9.14
N PRO A 2 8.62 18.18 10.38
CA PRO A 2 7.21 17.98 10.70
C PRO A 2 6.35 19.21 10.47
N ARG A 3 5.18 19.00 9.85
CA ARG A 3 4.20 20.08 9.68
C ARG A 3 3.61 20.62 11.01
N GLU A 4 3.26 21.90 11.01
CA GLU A 4 2.74 22.59 12.20
C GLU A 4 1.22 22.73 12.13
N GLU A 5 0.50 22.05 13.00
CA GLU A 5 -0.98 22.08 12.99
C GLU A 5 -1.58 23.39 13.50
N ALA A 6 -2.68 23.81 12.88
CA ALA A 6 -3.36 25.07 13.24
C ALA A 6 -3.77 25.20 14.71
N GLY A 7 -3.75 26.43 15.18
CA GLY A 7 -4.01 26.78 16.57
C GLY A 7 -2.86 26.44 17.49
N ALA A 8 -1.65 26.36 16.95
CA ALA A 8 -0.46 25.87 17.68
C ALA A 8 -0.74 24.63 18.55
N LEU A 9 -1.38 23.63 17.94
CA LEU A 9 -1.63 22.34 18.57
C LEU A 9 -0.32 21.54 18.58
N GLY A 10 0.73 22.16 18.06
CA GLY A 10 2.05 21.58 18.15
C GLY A 10 2.45 20.89 16.87
N PRO A 11 3.63 20.23 16.90
CA PRO A 11 4.18 19.58 15.71
C PRO A 11 3.35 18.33 15.46
N ALA A 12 3.06 18.06 14.19
CA ALA A 12 2.18 16.95 13.81
C ALA A 12 2.77 15.60 14.25
N TRP A 13 4.09 15.45 14.11
CA TRP A 13 4.82 14.23 14.43
C TRP A 13 6.27 14.67 14.58
N ASP A 14 7.17 13.76 14.97
CA ASP A 14 8.61 14.04 14.85
C ASP A 14 9.49 12.80 14.56
N GLU A 15 10.68 13.07 14.02
CA GLU A 15 11.62 12.05 13.55
C GLU A 15 11.58 10.74 14.33
N SER A 16 11.59 10.83 15.66
CA SER A 16 11.66 9.66 16.53
C SER A 16 10.46 8.72 16.36
N GLN A 17 9.45 9.16 15.62
CA GLN A 17 8.29 8.31 15.40
C GLN A 17 8.44 7.56 14.07
N LEU A 18 9.51 7.88 13.35
CA LEU A 18 9.82 7.23 12.08
C LEU A 18 10.81 6.08 12.33
N ARG A 19 10.65 4.97 11.61
CA ARG A 19 11.67 3.95 11.63
C ARG A 19 12.90 4.43 10.84
N SER A 20 14.02 3.77 11.11
CA SER A 20 15.27 4.20 10.53
C SER A 20 15.73 3.16 9.52
N TYR A 21 16.12 3.65 8.35
CA TYR A 21 16.49 2.80 7.24
C TYR A 21 17.79 3.24 6.59
N SER A 22 18.41 2.33 5.84
CA SER A 22 19.76 2.53 5.34
C SER A 22 19.78 3.40 4.09
N PHE A 23 18.71 3.39 3.32
CA PHE A 23 18.68 4.14 2.07
C PHE A 23 18.27 5.58 2.34
N PRO A 24 18.65 6.49 1.42
CA PRO A 24 18.26 7.90 1.39
C PRO A 24 16.90 8.08 0.74
N THR A 25 16.29 9.27 0.87
CA THR A 25 14.96 9.57 0.31
C THR A 25 14.84 11.01 -0.05
N ARG A 26 14.14 11.26 -1.14
CA ARG A 26 13.68 12.59 -1.49
C ARG A 26 12.19 12.79 -1.10
N PRO A 27 11.74 14.04 -0.98
CA PRO A 27 10.32 14.24 -0.58
C PRO A 27 9.36 14.21 -1.77
N ILE A 28 8.19 13.60 -1.60
CA ILE A 28 7.12 13.73 -2.60
C ILE A 28 6.54 15.15 -2.56
N PRO A 29 6.26 15.72 -3.72
CA PRO A 29 5.61 17.05 -3.73
C PRO A 29 4.23 17.04 -3.04
N ARG A 30 4.01 18.02 -2.14
CA ARG A 30 2.72 18.25 -1.51
C ARG A 30 2.06 19.40 -2.23
N LEU A 31 1.04 19.13 -3.02
CA LEU A 31 0.33 20.20 -3.72
C LEU A 31 -1.14 20.38 -3.41
N SER A 32 -1.66 21.53 -3.84
CA SER A 32 -3.10 21.75 -3.92
C SER A 32 -3.59 21.26 -5.28
N GLN A 33 -4.81 20.72 -5.30
CA GLN A 33 -5.30 20.05 -6.49
C GLN A 33 -5.60 20.97 -7.69
N SER A 34 -5.79 22.25 -7.42
CA SER A 34 -5.96 23.23 -8.49
C SER A 34 -4.63 23.75 -9.02
N ASP A 35 -3.54 23.43 -8.33
CA ASP A 35 -2.22 23.63 -8.89
C ASP A 35 -2.06 22.76 -10.15
N PRO A 36 -1.62 23.39 -11.26
CA PRO A 36 -1.21 22.67 -12.49
C PRO A 36 -0.14 21.61 -12.22
N ARG A 37 0.90 21.94 -11.46
CA ARG A 37 2.00 21.00 -11.23
C ARG A 37 1.50 19.62 -10.77
N ALA A 38 0.48 19.60 -9.91
CA ALA A 38 -0.08 18.33 -9.43
C ALA A 38 -0.77 17.56 -10.53
N GLU A 39 -1.30 18.26 -11.51
CA GLU A 39 -1.98 17.63 -12.63
C GLU A 39 -0.94 16.98 -13.53
N GLU A 40 0.05 17.77 -13.94
CA GLU A 40 1.23 17.26 -14.65
C GLU A 40 1.73 15.96 -14.04
N LEU A 41 1.94 15.98 -12.72
CA LEU A 41 2.48 14.83 -12.02
C LEU A 41 1.59 13.61 -12.17
N ILE A 42 0.28 13.77 -12.03
CA ILE A 42 -0.62 12.66 -12.13
C ILE A 42 -0.66 12.12 -13.55
N GLU A 43 -0.61 13.00 -14.53
CA GLU A 43 -0.59 12.60 -15.95
C GLU A 43 0.74 11.94 -16.32
N ASN A 44 1.82 12.35 -15.66
CA ASN A 44 3.15 11.76 -15.88
C ASN A 44 3.39 10.51 -15.05
N GLU A 45 2.37 10.04 -14.33
CA GLU A 45 2.51 8.93 -13.38
C GLU A 45 3.64 9.05 -12.37
N GLU A 46 3.82 10.24 -11.83
CA GLU A 46 4.74 10.46 -10.72
C GLU A 46 3.86 10.75 -9.50
N PRO A 47 4.29 10.36 -8.29
CA PRO A 47 3.47 10.55 -7.10
C PRO A 47 3.30 11.98 -6.67
N VAL A 48 2.21 12.24 -5.93
CA VAL A 48 1.92 13.59 -5.45
C VAL A 48 0.93 13.52 -4.33
N VAL A 49 1.20 14.24 -3.24
CA VAL A 49 0.28 14.40 -2.15
C VAL A 49 -0.60 15.63 -2.43
N LEU A 50 -1.92 15.46 -2.50
CA LEU A 50 -2.83 16.62 -2.65
C LEU A 50 -3.40 16.90 -1.29
N THR A 51 -3.09 18.07 -0.77
CA THR A 51 -3.53 18.48 0.57
C THR A 51 -5.02 18.89 0.70
N ASP A 52 -5.69 19.23 -0.41
CA ASP A 52 -7.00 19.91 -0.33
C ASP A 52 -8.11 19.35 -1.27
N THR A 53 -8.25 18.04 -1.35
CA THR A 53 -9.27 17.53 -2.24
C THR A 53 -10.63 17.51 -1.56
N ASN A 54 -10.65 17.37 -0.23
CA ASN A 54 -11.89 17.12 0.50
C ASN A 54 -12.48 15.79 0.10
N LEU A 55 -11.66 14.96 -0.55
CA LEU A 55 -12.18 13.72 -1.07
C LEU A 55 -12.96 12.92 -0.02
N VAL A 56 -12.40 12.72 1.16
CA VAL A 56 -13.09 11.96 2.21
C VAL A 56 -13.49 12.83 3.40
N TYR A 57 -13.86 14.07 3.12
CA TYR A 57 -14.23 15.04 4.17
C TYR A 57 -15.22 14.53 5.25
N PRO A 58 -16.38 13.97 4.84
CA PRO A 58 -17.33 13.47 5.89
C PRO A 58 -16.73 12.41 6.84
N ALA A 59 -15.65 11.77 6.40
CA ALA A 59 -15.07 10.65 7.12
C ALA A 59 -14.02 11.22 8.02
N LEU A 60 -13.69 12.48 7.79
CA LEU A 60 -12.66 13.05 8.64
C LEU A 60 -13.12 12.99 10.09
N LYS A 61 -14.43 12.74 10.27
CA LYS A 61 -15.05 12.78 11.59
C LYS A 61 -15.00 11.43 12.27
N TRP A 62 -14.69 10.37 11.51
CA TRP A 62 -14.66 9.00 12.02
C TRP A 62 -13.59 8.81 13.10
N ASP A 63 -14.00 8.26 14.23
CA ASP A 63 -13.10 7.61 15.20
C ASP A 63 -13.58 6.17 15.47
N LEU A 64 -13.07 5.54 16.53
CA LEU A 64 -13.47 4.17 16.90
C LEU A 64 -14.93 4.08 17.37
N GLU A 65 -15.33 5.04 18.20
CA GLU A 65 -16.68 5.07 18.73
C GLU A 65 -17.73 5.23 17.63
N TYR A 66 -17.61 6.31 16.85
CA TYR A 66 -18.52 6.57 15.75
C TYR A 66 -18.64 5.35 14.86
N LEU A 67 -17.54 4.67 14.61
CA LEU A 67 -17.55 3.52 13.73
C LEU A 67 -18.21 2.24 14.30
N GLN A 68 -17.86 1.84 15.53
CA GLN A 68 -18.52 0.66 16.13
C GLN A 68 -20.04 0.88 16.10
N GLU A 69 -20.43 2.11 16.41
CA GLU A 69 -21.79 2.60 16.32
C GLU A 69 -22.48 2.29 14.96
N ASN A 70 -22.12 2.99 13.89
CA ASN A 70 -22.94 3.04 12.67
C ASN A 70 -22.62 2.09 11.51
N ILE A 71 -21.48 1.41 11.59
CA ILE A 71 -20.97 0.62 10.46
C ILE A 71 -21.93 -0.53 10.05
N GLY A 72 -22.69 -1.02 11.03
CA GLY A 72 -23.59 -2.17 10.80
C GLY A 72 -23.04 -3.44 11.41
N ASN A 73 -23.56 -4.58 10.93
CA ASN A 73 -23.35 -5.88 11.58
C ASN A 73 -22.67 -6.94 10.70
N GLY A 74 -22.05 -6.49 9.59
CA GLY A 74 -21.46 -7.37 8.57
C GLY A 74 -20.12 -7.94 8.96
N ASP A 75 -19.53 -8.72 8.04
CA ASP A 75 -18.21 -9.35 8.24
C ASP A 75 -17.02 -8.44 7.86
N PHE A 76 -16.07 -8.27 8.77
CA PHE A 76 -14.84 -7.50 8.47
C PHE A 76 -13.53 -8.33 8.55
N SER A 77 -12.87 -8.58 7.41
CA SER A 77 -11.58 -9.30 7.42
C SER A 77 -10.53 -8.61 8.31
N VAL A 78 -10.09 -9.29 9.36
CA VAL A 78 -9.10 -8.69 10.25
C VAL A 78 -7.84 -9.52 10.21
N TYR A 79 -6.77 -8.95 9.63
CA TYR A 79 -5.47 -9.65 9.53
C TYR A 79 -4.67 -9.49 10.83
N SER A 80 -3.92 -10.53 11.20
CA SER A 80 -3.25 -10.58 12.50
C SER A 80 -1.75 -10.91 12.34
N ALA A 81 -0.88 -10.28 13.14
CA ALA A 81 0.57 -10.44 12.93
C ALA A 81 1.39 -10.84 14.15
N SER A 82 2.64 -11.24 13.90
CA SER A 82 3.56 -11.69 14.95
C SER A 82 4.69 -10.70 15.26
N THR A 83 4.86 -9.68 14.41
CA THR A 83 5.85 -8.64 14.64
C THR A 83 5.24 -7.31 14.20
N HIS A 84 6.06 -6.30 13.89
CA HIS A 84 5.48 -5.08 13.37
C HIS A 84 5.09 -5.20 11.90
N LYS A 85 5.87 -5.98 11.14
CA LYS A 85 5.66 -6.17 9.70
C LYS A 85 4.55 -7.17 9.37
N PHE A 86 3.69 -6.78 8.43
CA PHE A 86 2.46 -7.50 8.06
C PHE A 86 2.54 -8.07 6.65
N LEU A 87 3.30 -9.15 6.47
CA LEU A 87 3.43 -9.82 5.15
C LEU A 87 2.13 -10.55 4.76
N TYR A 88 1.38 -9.91 3.85
CA TYR A 88 0.19 -10.48 3.22
C TYR A 88 0.61 -11.64 2.30
N TYR A 89 -0.34 -12.43 1.82
CA TYR A 89 -0.02 -13.41 0.77
C TYR A 89 -1.23 -13.83 -0.04
N ASP A 90 -0.99 -14.36 -1.22
CA ASP A 90 -2.01 -14.89 -2.07
C ASP A 90 -2.27 -16.34 -1.70
N GLU A 91 -3.51 -16.64 -1.31
CA GLU A 91 -3.93 -17.99 -0.90
C GLU A 91 -3.80 -19.00 -2.05
N LYS A 92 -4.37 -18.67 -3.22
CA LYS A 92 -4.30 -19.53 -4.41
C LYS A 92 -2.90 -20.08 -4.72
N LYS A 93 -1.87 -19.42 -4.21
CA LYS A 93 -0.50 -19.71 -4.65
C LYS A 93 0.33 -20.61 -3.73
N MET A 94 -0.17 -20.92 -2.53
CA MET A 94 0.51 -21.79 -1.56
C MET A 94 0.77 -23.21 -2.06
N ALA A 95 -0.14 -23.69 -2.88
CA ALA A 95 0.01 -24.96 -3.57
C ALA A 95 1.31 -25.00 -4.39
N ASN A 96 1.67 -23.89 -5.03
CA ASN A 96 2.94 -23.77 -5.76
C ASN A 96 4.19 -24.01 -4.90
N PHE A 97 4.17 -23.55 -3.64
CA PHE A 97 5.37 -23.54 -2.78
C PHE A 97 5.21 -24.28 -1.43
N GLN A 98 5.30 -25.60 -1.50
CA GLN A 98 4.90 -26.53 -0.42
C GLN A 98 5.30 -26.22 1.02
N ASN A 99 6.56 -25.85 1.23
CA ASN A 99 7.04 -25.51 2.59
C ASN A 99 7.16 -24.00 2.82
N PHE A 100 5.99 -23.37 2.83
CA PHE A 100 5.86 -21.93 2.99
C PHE A 100 5.28 -21.61 4.37
N LYS A 101 6.07 -20.89 5.17
CA LYS A 101 5.68 -20.52 6.53
C LYS A 101 5.03 -19.13 6.59
N PRO A 102 3.66 -19.10 6.74
CA PRO A 102 2.86 -17.85 6.86
C PRO A 102 3.00 -17.17 8.22
N ARG A 103 3.41 -15.90 8.22
CA ARG A 103 3.59 -15.15 9.46
C ARG A 103 2.37 -14.26 9.83
N SER A 104 1.38 -14.19 8.92
CA SER A 104 0.12 -13.47 9.14
C SER A 104 -1.12 -14.41 9.20
N ASN A 105 -2.25 -13.89 9.67
CA ASN A 105 -3.51 -14.66 9.72
C ASN A 105 -4.74 -13.82 9.56
N ARG A 106 -5.53 -14.12 8.53
CA ARG A 106 -6.84 -13.51 8.35
C ARG A 106 -7.84 -14.12 9.35
N GLU A 107 -8.61 -13.27 10.02
CA GLU A 107 -9.74 -13.76 10.83
C GLU A 107 -10.96 -12.89 10.59
N GLU A 108 -12.05 -13.50 10.13
CA GLU A 108 -13.32 -12.79 10.04
C GLU A 108 -13.86 -12.46 11.42
N MET A 109 -14.50 -11.30 11.54
CA MET A 109 -15.17 -10.94 12.78
C MET A 109 -16.07 -9.71 12.61
N LYS A 110 -16.61 -9.28 13.73
CA LYS A 110 -17.55 -8.18 13.80
C LYS A 110 -16.81 -7.04 14.48
N PHE A 111 -17.09 -5.83 14.01
CA PHE A 111 -16.37 -4.64 14.44
C PHE A 111 -16.00 -4.66 15.93
N HIS A 112 -16.98 -4.92 16.78
CA HIS A 112 -16.79 -4.82 18.24
C HIS A 112 -15.80 -5.85 18.79
N GLU A 113 -15.75 -7.03 18.16
CA GLU A 113 -14.79 -8.06 18.50
C GLU A 113 -13.39 -7.50 18.31
N PHE A 114 -13.14 -7.00 17.10
CA PHE A 114 -11.95 -6.25 16.76
C PHE A 114 -11.66 -5.21 17.86
N VAL A 115 -12.62 -4.30 18.11
CA VAL A 115 -12.45 -3.21 19.08
C VAL A 115 -12.06 -3.65 20.50
N GLU A 116 -12.55 -4.81 20.95
CA GLU A 116 -12.14 -5.37 22.24
C GLU A 116 -10.72 -5.94 22.12
N LYS A 117 -10.54 -6.82 21.13
CA LYS A 117 -9.23 -7.41 20.85
C LYS A 117 -8.14 -6.34 20.90
N LEU A 118 -8.50 -5.14 20.42
CA LEU A 118 -7.58 -4.01 20.34
C LEU A 118 -7.49 -3.21 21.64
N GLN A 119 -8.61 -3.07 22.36
CA GLN A 119 -8.62 -2.34 23.64
C GLN A 119 -7.92 -3.14 24.75
N ASP A 120 -7.97 -4.47 24.61
CA ASP A 120 -7.28 -5.43 25.49
C ASP A 120 -5.77 -5.21 25.50
N ILE A 121 -5.17 -5.30 24.31
CA ILE A 121 -3.77 -5.01 24.08
C ILE A 121 -3.41 -3.60 24.54
N GLN A 122 -4.37 -2.69 24.41
CA GLN A 122 -4.20 -1.31 24.84
C GLN A 122 -4.13 -1.21 26.38
N GLN A 123 -4.78 -2.16 27.07
CA GLN A 123 -4.85 -2.14 28.54
C GLN A 123 -3.93 -3.18 29.20
N ARG A 124 -3.44 -4.15 28.42
CA ARG A 124 -2.60 -5.23 28.97
C ARG A 124 -1.12 -5.18 28.54
N GLY A 125 -0.81 -4.40 27.50
CA GLY A 125 0.58 -4.18 27.09
C GLY A 125 1.24 -5.24 26.21
N GLY A 126 0.41 -5.94 25.42
CA GLY A 126 0.87 -7.02 24.54
C GLY A 126 1.73 -6.64 23.33
N GLU A 127 2.32 -7.65 22.70
CA GLU A 127 3.21 -7.48 21.56
C GLU A 127 2.45 -7.50 20.22
N GLU A 128 1.59 -8.51 20.06
CA GLU A 128 0.77 -8.74 18.87
C GLU A 128 0.15 -7.48 18.25
N ARG A 129 -0.15 -7.54 16.95
CA ARG A 129 -0.71 -6.40 16.19
C ARG A 129 -1.80 -6.81 15.19
N LEU A 130 -2.67 -5.87 14.84
CA LEU A 130 -3.79 -6.12 13.96
C LEU A 130 -3.92 -5.08 12.87
N TYR A 131 -4.45 -5.50 11.72
CA TYR A 131 -4.85 -4.60 10.65
C TYR A 131 -6.28 -4.93 10.24
N LEU A 132 -6.96 -4.03 9.56
CA LEU A 132 -8.29 -4.33 9.05
C LEU A 132 -8.42 -3.92 7.60
N GLN A 133 -7.92 -4.76 6.71
CA GLN A 133 -8.17 -4.60 5.29
C GLN A 133 -9.55 -5.16 5.04
N GLN A 134 -10.56 -4.29 4.98
CA GLN A 134 -11.89 -4.74 4.60
C GLN A 134 -12.58 -3.88 3.56
N THR A 135 -12.82 -4.49 2.40
CA THR A 135 -13.45 -3.80 1.27
C THR A 135 -14.80 -3.21 1.68
N LEU A 136 -15.24 -2.19 0.95
CA LEU A 136 -16.50 -1.53 1.23
C LEU A 136 -17.61 -2.11 0.39
N ASN A 137 -18.59 -2.73 1.05
CA ASN A 137 -19.81 -3.17 0.37
C ASN A 137 -21.07 -2.93 1.19
N ASP A 138 -22.21 -3.01 0.48
CA ASP A 138 -23.61 -2.74 0.93
C ASP A 138 -24.03 -2.94 2.41
N THR A 139 -23.34 -3.82 3.13
CA THR A 139 -23.61 -4.12 4.57
C THR A 139 -23.33 -2.97 5.56
N VAL A 140 -23.40 -1.72 5.08
CA VAL A 140 -23.08 -0.57 5.92
C VAL A 140 -24.30 0.28 6.30
N GLY A 141 -24.37 0.68 7.57
CA GLY A 141 -25.48 1.47 8.10
C GLY A 141 -25.75 2.79 7.42
N ARG A 142 -26.95 3.32 7.66
CA ARG A 142 -27.43 4.56 7.07
C ARG A 142 -26.39 5.71 7.13
N LYS A 143 -25.86 5.99 8.32
CA LYS A 143 -25.02 7.17 8.52
C LYS A 143 -23.66 7.03 7.81
N ILE A 144 -23.18 5.80 7.67
CA ILE A 144 -21.97 5.54 6.90
C ILE A 144 -22.21 5.67 5.40
N VAL A 145 -23.39 5.29 4.94
CA VAL A 145 -23.72 5.44 3.54
C VAL A 145 -23.80 6.93 3.25
N MET A 146 -24.36 7.67 4.20
CA MET A 146 -24.41 9.12 4.13
C MET A 146 -23.01 9.68 3.85
N ASP A 147 -22.10 9.34 4.77
CA ASP A 147 -20.70 9.72 4.74
C ASP A 147 -20.02 9.45 3.41
N PHE A 148 -20.08 8.20 2.99
CA PHE A 148 -19.65 7.78 1.68
C PHE A 148 -20.22 8.65 0.58
N LEU A 149 -21.51 8.98 0.67
CA LEU A 149 -22.18 9.79 -0.35
C LEU A 149 -21.59 11.20 -0.37
N GLY A 150 -21.05 11.61 0.78
CA GLY A 150 -20.41 12.88 0.90
C GLY A 150 -18.99 12.99 0.39
N PHE A 151 -18.49 11.96 -0.30
CA PHE A 151 -17.10 11.96 -0.76
C PHE A 151 -17.03 12.84 -1.99
N ASN A 152 -15.83 13.30 -2.40
CA ASN A 152 -15.77 14.21 -3.57
C ASN A 152 -15.74 13.50 -4.93
N TRP A 153 -16.74 12.64 -5.14
CA TRP A 153 -16.95 12.00 -6.43
C TRP A 153 -16.64 12.91 -7.61
N ASN A 154 -17.23 14.09 -7.65
CA ASN A 154 -17.00 15.03 -8.75
C ASN A 154 -15.50 15.09 -9.06
N TRP A 155 -14.71 15.29 -8.01
CA TRP A 155 -13.27 15.40 -8.19
C TRP A 155 -12.69 14.08 -8.67
N ILE A 156 -12.94 13.01 -7.91
CA ILE A 156 -12.30 11.74 -8.17
C ILE A 156 -12.68 11.12 -9.50
N ASN A 157 -13.96 11.26 -9.88
CA ASN A 157 -14.44 10.83 -11.20
C ASN A 157 -13.84 11.61 -12.37
N LYS A 158 -13.64 12.90 -12.16
CA LYS A 158 -13.09 13.77 -13.19
C LYS A 158 -11.60 13.48 -13.38
N GLN A 159 -10.97 12.91 -12.35
CA GLN A 159 -9.55 12.59 -12.44
C GLN A 159 -9.39 11.30 -13.23
N GLN A 160 -10.35 10.40 -13.08
CA GLN A 160 -10.45 9.18 -13.86
C GLN A 160 -10.68 9.49 -15.34
N GLY A 161 -11.57 10.43 -15.62
CA GLY A 161 -11.93 10.79 -16.98
C GLY A 161 -10.69 11.23 -17.70
N LYS A 162 -10.13 12.35 -17.25
CA LYS A 162 -9.03 13.04 -17.90
C LYS A 162 -7.77 12.20 -18.17
N ARG A 163 -7.66 11.04 -17.51
CA ARG A 163 -6.49 10.17 -17.65
C ARG A 163 -6.80 8.95 -18.49
N GLY A 164 -8.09 8.70 -18.67
CA GLY A 164 -8.54 7.59 -19.50
C GLY A 164 -8.45 6.30 -18.73
N TRP A 165 -8.22 6.40 -17.42
CA TRP A 165 -8.23 5.24 -16.55
C TRP A 165 -9.53 4.51 -16.70
N GLY A 166 -9.48 3.20 -16.56
CA GLY A 166 -10.72 2.42 -16.53
C GLY A 166 -11.45 2.60 -15.21
N GLN A 167 -12.32 1.64 -14.91
CA GLN A 167 -13.29 1.69 -13.79
C GLN A 167 -12.68 1.70 -12.37
N LEU A 168 -13.42 2.24 -11.41
CA LEU A 168 -13.07 2.07 -10.00
C LEU A 168 -13.17 0.57 -9.74
N THR A 169 -12.16 -0.01 -9.09
CA THR A 169 -12.16 -1.46 -8.87
C THR A 169 -12.47 -1.88 -7.43
N SER A 170 -12.09 -1.08 -6.43
CA SER A 170 -12.53 -1.34 -5.04
C SER A 170 -12.36 -0.16 -4.06
N ASN A 171 -12.78 -0.35 -2.82
CA ASN A 171 -12.54 0.63 -1.78
C ASN A 171 -12.11 -0.02 -0.51
N LEU A 172 -10.81 -0.09 -0.28
CA LEU A 172 -10.38 -0.62 0.98
C LEU A 172 -10.50 0.45 2.05
N LEU A 173 -11.09 0.05 3.18
CA LEU A 173 -11.00 0.79 4.42
C LEU A 173 -10.03 0.10 5.34
N LEU A 174 -9.07 0.83 5.89
CA LEU A 174 -8.04 0.25 6.73
C LEU A 174 -7.86 0.93 8.08
N ILE A 175 -7.73 0.11 9.11
CA ILE A 175 -7.53 0.58 10.45
C ILE A 175 -6.52 -0.33 11.07
N GLY A 176 -5.56 0.27 11.75
CA GLY A 176 -4.46 -0.51 12.27
C GLY A 176 -3.87 0.22 13.44
N MET A 177 -2.84 -0.38 14.01
CA MET A 177 -2.29 0.08 15.26
C MET A 177 -0.95 0.78 15.10
N GLU A 178 -0.63 1.65 16.05
CA GLU A 178 0.63 2.38 16.01
C GLU A 178 1.71 1.40 15.73
N GLY A 179 2.74 1.86 15.02
CA GLY A 179 3.91 1.05 14.76
C GLY A 179 3.80 0.09 13.59
N ASN A 180 2.58 -0.29 13.19
CA ASN A 180 2.37 -1.21 12.07
C ASN A 180 3.12 -0.87 10.79
N VAL A 181 3.58 -1.91 10.10
CA VAL A 181 4.28 -1.78 8.84
C VAL A 181 3.68 -2.69 7.74
N THR A 182 3.44 -2.10 6.57
CA THR A 182 3.21 -2.88 5.35
C THR A 182 4.47 -2.80 4.43
N PRO A 183 5.14 -3.94 4.19
CA PRO A 183 6.44 -3.93 3.50
C PRO A 183 6.29 -3.62 2.03
N ALA A 184 7.35 -3.05 1.45
CA ALA A 184 7.36 -2.71 0.06
C ALA A 184 6.71 -3.80 -0.81
N HIS A 185 5.75 -3.37 -1.63
CA HIS A 185 5.16 -4.17 -2.67
C HIS A 185 4.68 -3.19 -3.70
N TYR A 186 4.24 -3.67 -4.86
CA TYR A 186 3.69 -2.82 -5.90
C TYR A 186 2.37 -3.38 -6.40
N ASP A 187 1.44 -2.53 -6.82
CA ASP A 187 0.18 -2.93 -7.40
C ASP A 187 0.18 -2.60 -8.87
N GLU A 188 -0.74 -3.17 -9.62
CA GLU A 188 -0.69 -2.92 -11.06
C GLU A 188 -1.66 -1.82 -11.41
N GLN A 189 -2.29 -1.29 -10.34
CA GLN A 189 -3.44 -0.41 -10.42
C GLN A 189 -3.08 1.00 -9.97
N GLN A 190 -3.64 2.02 -10.64
CA GLN A 190 -3.55 3.41 -10.16
C GLN A 190 -4.22 3.50 -8.80
N ASN A 191 -3.66 4.28 -7.89
CA ASN A 191 -4.23 4.35 -6.56
C ASN A 191 -4.25 5.74 -5.88
N PHE A 192 -5.37 6.06 -5.21
CA PHE A 192 -5.48 7.25 -4.38
C PHE A 192 -5.59 6.90 -2.92
N PHE A 193 -4.57 7.23 -2.17
CA PHE A 193 -4.48 6.84 -0.76
C PHE A 193 -4.96 8.02 0.07
N ALA A 194 -6.14 7.90 0.65
CA ALA A 194 -6.80 9.03 1.26
C ALA A 194 -6.78 8.88 2.79
N GLN A 195 -6.04 9.77 3.45
CA GLN A 195 -5.80 9.60 4.90
C GLN A 195 -6.91 10.26 5.76
N ILE A 196 -7.27 9.60 6.84
CA ILE A 196 -8.45 9.98 7.60
C ILE A 196 -8.09 10.24 9.05
N LYS A 197 -7.54 9.22 9.70
CA LYS A 197 -7.12 9.37 11.10
C LYS A 197 -5.71 8.83 11.31
N GLY A 198 -4.93 9.57 12.10
CA GLY A 198 -3.55 9.18 12.39
C GLY A 198 -2.64 9.56 11.24
N TYR A 199 -1.35 9.48 11.50
CA TYR A 199 -0.37 9.78 10.46
C TYR A 199 0.36 8.53 9.93
N LYS A 200 0.40 8.38 8.60
CA LYS A 200 1.27 7.35 7.96
C LYS A 200 2.46 7.93 7.15
N ARG A 201 3.58 7.19 7.19
CA ARG A 201 4.74 7.54 6.38
C ARG A 201 4.84 6.53 5.30
N CYS A 202 4.77 7.06 4.10
CA CYS A 202 4.83 6.28 2.89
C CYS A 202 6.17 6.53 2.24
N ILE A 203 6.90 5.45 1.99
CA ILE A 203 8.11 5.47 1.17
C ILE A 203 7.84 4.79 -0.15
N LEU A 204 8.04 5.48 -1.27
CA LEU A 204 7.81 4.94 -2.62
C LEU A 204 9.11 4.81 -3.47
N PHE A 205 9.13 3.82 -4.37
CA PHE A 205 10.21 3.63 -5.33
C PHE A 205 9.66 3.46 -6.77
N PRO A 206 10.25 4.15 -7.76
CA PRO A 206 9.76 4.03 -9.13
C PRO A 206 10.03 2.64 -9.70
N PRO A 207 9.20 2.20 -10.69
CA PRO A 207 9.29 0.89 -11.30
C PRO A 207 10.74 0.52 -11.62
N ASP A 208 11.50 1.52 -12.06
CA ASP A 208 12.85 1.25 -12.56
C ASP A 208 13.80 0.92 -11.45
N GLN A 209 13.35 0.78 -10.22
CA GLN A 209 14.23 0.27 -9.19
C GLN A 209 13.95 -1.21 -8.96
N PHE A 210 13.27 -1.82 -9.94
CA PHE A 210 13.06 -3.27 -9.97
C PHE A 210 14.30 -4.05 -9.53
N GLU A 211 15.44 -3.77 -10.15
CA GLU A 211 16.62 -4.54 -9.76
C GLU A 211 17.28 -4.26 -8.44
N CYS A 212 16.90 -3.20 -7.71
CA CYS A 212 17.44 -3.02 -6.34
C CYS A 212 16.51 -3.59 -5.29
N LEU A 213 15.33 -4.05 -5.72
CA LEU A 213 14.26 -4.41 -4.80
C LEU A 213 13.83 -5.89 -4.75
N TYR A 214 14.23 -6.65 -5.75
CA TYR A 214 14.13 -8.10 -5.65
C TYR A 214 12.73 -8.67 -5.30
N PRO A 215 11.76 -8.49 -6.21
CA PRO A 215 10.46 -9.17 -6.04
C PRO A 215 10.56 -10.69 -5.94
N TYR A 216 9.84 -11.30 -5.01
CA TYR A 216 9.56 -12.73 -5.06
C TYR A 216 9.22 -13.21 -6.50
N PRO A 217 9.57 -14.47 -6.81
CA PRO A 217 9.11 -15.03 -8.08
C PRO A 217 7.61 -14.86 -8.19
N VAL A 218 7.13 -14.72 -9.43
CA VAL A 218 5.73 -14.44 -9.72
C VAL A 218 4.80 -15.49 -9.13
N HIS A 219 5.22 -16.75 -9.12
CA HIS A 219 4.36 -17.81 -8.59
C HIS A 219 4.36 -17.90 -7.06
N HIS A 220 5.28 -17.22 -6.41
CA HIS A 220 5.33 -17.34 -4.95
C HIS A 220 4.13 -16.65 -4.29
N PRO A 221 3.65 -17.18 -3.14
CA PRO A 221 2.47 -16.53 -2.57
C PRO A 221 2.73 -15.04 -2.30
N CYS A 222 4.00 -14.67 -2.00
CA CYS A 222 4.41 -13.27 -1.78
C CYS A 222 4.73 -12.47 -3.05
N ASP A 223 4.30 -13.00 -4.20
CA ASP A 223 4.35 -12.28 -5.48
C ASP A 223 4.21 -10.80 -5.30
N ARG A 224 4.97 -10.00 -6.04
CA ARG A 224 4.80 -8.53 -5.99
C ARG A 224 5.42 -7.87 -4.73
N GLN A 225 5.84 -8.67 -3.74
CA GLN A 225 6.58 -8.14 -2.60
C GLN A 225 8.09 -8.18 -2.78
N SER A 226 8.79 -7.49 -1.90
CA SER A 226 10.19 -7.37 -2.02
C SER A 226 10.71 -8.32 -0.99
N GLN A 227 11.84 -8.96 -1.32
CA GLN A 227 12.39 -10.02 -0.50
C GLN A 227 13.31 -9.45 0.55
N VAL A 228 13.79 -8.24 0.31
CA VAL A 228 14.74 -7.59 1.20
C VAL A 228 14.01 -7.22 2.47
N ASP A 229 14.45 -7.72 3.62
CA ASP A 229 14.01 -7.19 4.90
C ASP A 229 14.62 -5.82 5.17
N PHE A 230 13.86 -4.74 4.99
CA PHE A 230 14.34 -3.37 5.26
C PHE A 230 14.97 -3.08 6.64
N ASP A 231 14.50 -3.71 7.70
CA ASP A 231 15.14 -3.51 9.00
C ASP A 231 16.53 -4.16 9.03
N ASN A 232 16.75 -5.16 8.18
CA ASN A 232 18.01 -5.94 8.23
C ASN A 232 18.42 -6.45 6.84
N PRO A 233 18.94 -5.54 5.99
CA PRO A 233 19.12 -5.95 4.59
C PRO A 233 20.39 -6.81 4.38
N ASP A 234 20.22 -7.90 3.62
CA ASP A 234 21.26 -8.88 3.36
C ASP A 234 21.93 -8.52 2.05
N TYR A 235 22.98 -7.73 2.16
CA TYR A 235 23.63 -7.20 0.98
C TYR A 235 24.39 -8.26 0.14
N GLU A 236 24.68 -9.42 0.73
CA GLU A 236 25.31 -10.47 -0.08
C GLU A 236 24.28 -11.03 -1.08
N ARG A 237 23.04 -11.26 -0.62
CA ARG A 237 21.97 -11.72 -1.47
C ARG A 237 21.41 -10.61 -2.36
N PHE A 238 21.37 -9.39 -1.80
CA PHE A 238 20.68 -8.30 -2.46
C PHE A 238 21.57 -7.07 -2.65
N PRO A 239 22.66 -7.25 -3.42
CA PRO A 239 23.65 -6.19 -3.38
C PRO A 239 23.11 -4.88 -3.96
N ASN A 240 22.17 -4.95 -4.90
CA ASN A 240 21.66 -3.71 -5.52
C ASN A 240 20.70 -2.91 -4.65
N PHE A 241 20.34 -3.48 -3.51
CA PHE A 241 19.66 -2.70 -2.53
C PHE A 241 20.52 -1.51 -2.12
N GLN A 242 21.82 -1.71 -2.02
CA GLN A 242 22.74 -0.63 -1.70
C GLN A 242 22.55 0.61 -2.61
N ASN A 243 21.83 0.49 -3.72
CA ASN A 243 21.67 1.61 -4.64
C ASN A 243 20.27 2.22 -4.61
N VAL A 244 19.49 1.84 -3.62
CA VAL A 244 18.08 2.17 -3.66
C VAL A 244 17.86 3.61 -3.15
N VAL A 245 17.06 4.39 -3.86
CA VAL A 245 16.74 5.77 -3.44
C VAL A 245 15.22 5.97 -3.43
N GLY A 246 14.63 6.19 -2.26
CA GLY A 246 13.18 6.39 -2.13
C GLY A 246 12.58 7.80 -2.32
N TYR A 247 11.25 7.84 -2.36
CA TYR A 247 10.50 9.08 -2.32
C TYR A 247 9.60 8.94 -1.13
N GLU A 248 9.65 9.92 -0.26
CA GLU A 248 9.04 9.80 1.04
C GLU A 248 8.04 10.95 1.28
N THR A 249 7.08 10.65 2.14
CA THR A 249 6.10 11.58 2.63
C THR A 249 5.51 11.09 3.95
N VAL A 250 4.93 12.00 4.71
CA VAL A 250 4.03 11.62 5.78
C VAL A 250 2.62 12.19 5.51
N VAL A 251 1.64 11.30 5.50
CA VAL A 251 0.28 11.75 5.21
C VAL A 251 -0.50 11.72 6.48
N GLY A 252 -1.38 12.71 6.61
CA GLY A 252 -2.30 12.83 7.74
C GLY A 252 -3.67 13.27 7.27
N PRO A 253 -4.61 13.49 8.19
CA PRO A 253 -6.05 13.64 7.90
C PRO A 253 -6.31 14.62 6.78
N GLY A 254 -6.92 14.17 5.69
CA GLY A 254 -7.21 15.06 4.62
C GLY A 254 -6.28 14.92 3.44
N ASP A 255 -5.03 14.51 3.69
CA ASP A 255 -4.05 14.38 2.58
C ASP A 255 -4.46 13.22 1.72
N VAL A 256 -4.41 13.38 0.41
CA VAL A 256 -4.56 12.27 -0.57
C VAL A 256 -3.22 11.97 -1.36
N LEU A 257 -2.72 10.73 -1.24
CA LEU A 257 -1.49 10.29 -1.92
C LEU A 257 -1.79 9.52 -3.21
N TYR A 258 -1.32 10.03 -4.35
CA TYR A 258 -1.42 9.29 -5.57
C TYR A 258 -0.17 8.37 -5.68
N ILE A 259 -0.41 7.08 -5.44
CA ILE A 259 0.57 6.05 -5.68
C ILE A 259 0.28 5.56 -7.10
N PRO A 260 1.13 5.93 -8.08
CA PRO A 260 0.91 5.50 -9.49
C PRO A 260 1.17 4.01 -9.71
N MET A 261 0.58 3.50 -10.77
CA MET A 261 0.74 2.11 -11.22
C MET A 261 2.19 1.61 -11.15
N TYR A 262 2.41 0.49 -10.49
CA TYR A 262 3.74 -0.15 -10.51
C TYR A 262 4.77 0.41 -9.56
N TRP A 263 4.46 1.51 -8.88
CA TRP A 263 5.39 2.04 -7.92
C TRP A 263 5.39 1.22 -6.68
N TRP A 264 6.57 0.87 -6.22
CA TRP A 264 6.68 0.17 -4.93
C TRP A 264 6.14 1.12 -3.89
N HIS A 265 5.55 0.59 -2.82
CA HIS A 265 5.39 1.39 -1.62
C HIS A 265 5.62 0.64 -0.34
N HIS A 266 6.05 1.35 0.68
CA HIS A 266 6.28 0.74 1.98
C HIS A 266 5.64 1.70 2.96
N ILE A 267 4.88 1.19 3.92
CA ILE A 267 3.92 2.04 4.67
C ILE A 267 3.90 1.78 6.17
N GLU A 268 4.20 2.82 6.95
CA GLU A 268 4.29 2.65 8.40
C GLU A 268 3.41 3.66 9.15
N SER A 269 2.43 3.15 9.89
CA SER A 269 1.72 3.93 10.90
C SER A 269 2.73 4.35 11.96
N LEU A 270 2.84 5.66 12.18
CA LEU A 270 3.85 6.19 13.13
C LEU A 270 3.84 5.56 14.54
N LEU A 271 5.03 5.43 15.14
CA LEU A 271 5.17 4.88 16.52
C LEU A 271 4.71 5.91 17.57
N ASN A 272 4.06 5.43 18.62
CA ASN A 272 3.37 6.28 19.60
C ASN A 272 2.19 7.03 18.97
N GLY A 273 2.03 6.90 17.64
CA GLY A 273 1.06 7.68 16.86
C GLY A 273 -0.44 7.43 17.03
N GLY A 274 -0.83 6.40 17.79
CA GLY A 274 -2.26 6.04 17.95
C GLY A 274 -2.80 5.27 16.76
N ILE A 275 -4.12 5.05 16.69
CA ILE A 275 -4.62 4.22 15.59
C ILE A 275 -4.73 5.01 14.28
N THR A 276 -4.89 4.29 13.17
CA THR A 276 -4.91 4.95 11.85
C THR A 276 -6.12 4.53 11.04
N ILE A 277 -6.58 5.41 10.16
CA ILE A 277 -7.64 5.01 9.25
C ILE A 277 -7.35 5.63 7.90
N THR A 278 -7.54 4.84 6.87
CA THR A 278 -7.26 5.24 5.53
C THR A 278 -8.33 4.61 4.68
N VAL A 279 -8.63 5.21 3.54
CA VAL A 279 -9.50 4.58 2.58
C VAL A 279 -8.71 4.72 1.31
N ASN A 280 -8.41 3.64 0.60
CA ASN A 280 -7.93 3.89 -0.78
C ASN A 280 -8.87 3.46 -1.82
N PHE A 281 -8.80 4.18 -2.94
CA PHE A 281 -9.53 3.89 -4.13
C PHE A 281 -8.55 3.32 -5.13
N TRP A 282 -8.94 2.25 -5.83
CA TRP A 282 -8.10 1.64 -6.87
C TRP A 282 -8.77 1.70 -8.20
N TYR A 283 -8.07 2.18 -9.21
CA TYR A 283 -8.57 2.20 -10.56
C TYR A 283 -7.71 1.29 -11.41
N LYS A 284 -8.32 0.59 -12.36
CA LYS A 284 -7.55 -0.11 -13.37
C LYS A 284 -7.11 0.95 -14.36
N GLY A 285 -5.86 0.91 -14.81
CA GLY A 285 -5.33 1.98 -15.65
C GLY A 285 -5.77 1.97 -17.11
N ALA A 286 -5.53 3.07 -17.81
CA ALA A 286 -5.83 3.16 -19.24
C ALA A 286 -5.15 2.00 -19.96
N PRO A 287 -5.91 1.27 -20.82
CA PRO A 287 -5.31 0.14 -21.54
C PRO A 287 -4.17 0.59 -22.47
N THR A 288 -3.28 -0.34 -22.82
CA THR A 288 -2.06 -0.05 -23.57
C THR A 288 -2.35 0.40 -25.03
N PRO A 289 -1.53 1.34 -25.57
CA PRO A 289 -1.69 1.81 -26.96
C PRO A 289 -0.79 1.03 -27.94
N GLU A 293 5.38 1.77 -28.92
CA GLU A 293 6.16 2.98 -28.73
C GLU A 293 7.47 2.80 -27.95
N TYR A 294 8.60 2.91 -28.63
CA TYR A 294 9.94 2.79 -28.02
C TYR A 294 10.64 4.15 -27.99
N PRO A 295 11.33 4.49 -26.89
CA PRO A 295 11.85 3.64 -25.80
C PRO A 295 10.73 3.04 -24.97
N LEU A 296 11.00 1.91 -24.35
CA LEU A 296 9.98 1.23 -23.55
C LEU A 296 10.05 1.81 -22.13
N LYS A 297 8.89 2.07 -21.51
CA LYS A 297 8.87 2.57 -20.13
C LYS A 297 9.03 1.43 -19.09
N ALA A 298 9.77 1.71 -18.03
CA ALA A 298 10.13 0.69 -17.07
C ALA A 298 8.98 -0.24 -16.73
N HIS A 299 7.81 0.31 -16.43
CA HIS A 299 6.70 -0.54 -16.02
C HIS A 299 6.29 -1.52 -17.12
N GLN A 300 6.58 -1.20 -18.37
CA GLN A 300 6.30 -2.14 -19.47
C GLN A 300 7.27 -3.32 -19.45
N LYS A 301 8.57 -3.04 -19.33
CA LYS A 301 9.51 -4.08 -18.98
C LYS A 301 9.03 -4.89 -17.73
N VAL A 302 8.45 -4.26 -16.71
CA VAL A 302 8.00 -5.11 -15.61
C VAL A 302 6.91 -6.00 -16.13
N ALA A 303 6.03 -5.48 -16.97
CA ALA A 303 4.87 -6.27 -17.40
C ALA A 303 5.33 -7.46 -18.17
N ILE A 304 6.35 -7.21 -18.98
CA ILE A 304 7.02 -8.22 -19.78
C ILE A 304 7.60 -9.40 -18.96
N MET A 305 8.44 -9.08 -17.98
CA MET A 305 9.04 -10.08 -17.12
C MET A 305 8.00 -10.95 -16.46
N ARG A 306 6.96 -10.33 -15.89
CA ARG A 306 5.85 -11.07 -15.29
C ARG A 306 5.31 -12.10 -16.28
N ASN A 307 5.10 -11.68 -17.54
CA ASN A 307 4.57 -12.60 -18.53
C ASN A 307 5.48 -13.74 -18.84
N ILE A 308 6.73 -13.47 -19.21
CA ILE A 308 7.66 -14.54 -19.47
C ILE A 308 7.58 -15.53 -18.31
N GLU A 309 7.71 -15.04 -17.09
CA GLU A 309 7.60 -15.92 -15.93
C GLU A 309 6.28 -16.69 -15.87
N LYS A 310 5.19 -16.12 -16.40
CA LYS A 310 3.90 -16.83 -16.28
C LYS A 310 3.91 -17.96 -17.27
N MET A 311 4.22 -17.64 -18.52
CA MET A 311 4.22 -18.60 -19.60
C MET A 311 5.03 -19.85 -19.30
N LEU A 312 6.32 -19.64 -19.05
CA LEU A 312 7.22 -20.67 -18.56
C LEU A 312 6.57 -21.51 -17.46
N GLY A 313 5.49 -21.02 -16.87
CA GLY A 313 4.83 -21.78 -15.82
C GLY A 313 3.84 -22.77 -16.39
N GLU A 314 3.11 -22.33 -17.43
CA GLU A 314 2.16 -23.18 -18.14
C GLU A 314 3.00 -24.18 -18.93
N ALA A 315 3.87 -23.65 -19.78
CA ALA A 315 4.63 -24.45 -20.72
C ALA A 315 5.41 -25.61 -20.08
N LEU A 316 5.99 -25.39 -18.91
CA LEU A 316 6.86 -26.38 -18.28
C LEU A 316 6.03 -27.31 -17.47
N GLY A 317 4.78 -26.90 -17.23
CA GLY A 317 3.84 -27.65 -16.39
C GLY A 317 4.08 -27.54 -14.90
N ASN A 318 5.04 -26.73 -14.48
CA ASN A 318 5.43 -26.73 -13.08
C ASN A 318 6.34 -25.56 -12.66
N PRO A 319 5.75 -24.56 -11.98
CA PRO A 319 6.40 -23.34 -11.48
C PRO A 319 7.71 -23.58 -10.74
N GLN A 320 8.02 -24.80 -10.35
CA GLN A 320 9.26 -25.02 -9.64
C GLN A 320 10.45 -25.04 -10.61
N GLU A 321 10.14 -25.25 -11.89
CA GLU A 321 11.16 -25.36 -12.91
C GLU A 321 11.47 -24.06 -13.66
N VAL A 322 10.61 -23.04 -13.49
CA VAL A 322 10.88 -21.72 -14.04
C VAL A 322 12.34 -21.33 -13.80
N GLY A 323 12.75 -21.32 -12.53
CA GLY A 323 14.11 -20.92 -12.17
C GLY A 323 15.25 -21.68 -12.83
N PRO A 324 15.28 -23.02 -12.68
CA PRO A 324 16.32 -23.83 -13.42
C PRO A 324 16.31 -23.59 -14.96
N LEU A 325 15.14 -23.37 -15.55
CA LEU A 325 15.12 -23.09 -16.99
C LEU A 325 15.78 -21.74 -17.33
N LEU A 326 15.44 -20.71 -16.57
CA LEU A 326 16.06 -19.42 -16.78
C LEU A 326 17.55 -19.44 -16.53
N ASN A 327 18.02 -20.20 -15.55
CA ASN A 327 19.46 -20.32 -15.33
C ASN A 327 20.21 -21.06 -16.47
N THR A 328 19.66 -22.20 -16.86
CA THR A 328 20.07 -22.90 -18.07
C THR A 328 20.19 -21.94 -19.25
N MET A 329 19.22 -21.04 -19.42
CA MET A 329 19.22 -20.05 -20.49
C MET A 329 20.34 -19.04 -20.39
N ILE A 330 20.67 -18.58 -19.19
CA ILE A 330 21.66 -17.51 -19.21
C ILE A 330 23.12 -17.91 -18.98
N LYS A 331 23.36 -18.97 -18.22
CA LYS A 331 24.71 -19.17 -17.76
C LYS A 331 25.63 -19.29 -18.95
N GLY A 332 26.66 -18.45 -19.02
CA GLY A 332 27.65 -18.52 -20.04
C GLY A 332 27.05 -18.18 -21.38
N ARG A 333 25.81 -17.68 -21.39
CA ARG A 333 25.10 -17.27 -22.60
C ARG A 333 24.80 -15.78 -22.57
N TYR A 334 24.27 -15.30 -21.45
CA TYR A 334 23.86 -13.90 -21.39
C TYR A 334 24.41 -13.16 -20.18
N ASN A 335 25.22 -13.84 -19.37
CA ASN A 335 25.79 -13.23 -18.17
C ASN A 335 27.36 -13.10 -18.15
FE FE2 B . -0.60 -1.50 -2.18
S SO4 C . 1.26 -10.52 23.58
O1 SO4 C . 1.33 -10.22 22.15
O2 SO4 C . 0.04 -9.95 24.12
O3 SO4 C . 1.26 -11.96 23.76
O4 SO4 C . 2.42 -9.95 24.28
S SO4 D . -1.18 -12.86 -11.25
O1 SO4 D . -2.09 -13.71 -12.03
O2 SO4 D . -1.93 -12.29 -10.13
O3 SO4 D . -0.09 -13.68 -10.75
O4 SO4 D . -0.69 -11.78 -12.11
OAA HQY E . -2.26 -2.47 -1.82
CAD HQY E . -1.14 0.29 2.16
CAE HQY E . -0.86 0.34 0.78
CAF HQY E . -1.92 -0.76 2.65
CAG HQY E . -3.65 -3.74 1.31
NAH HQY E . -1.33 -0.58 -0.07
CAI HQY E . -3.17 -2.78 2.20
CAJ HQY E . -2.58 -2.57 -0.50
CAK HQY E . -3.35 -3.64 -0.04
CAL HQY E . -2.40 -1.71 1.75
CAM HQY E . -2.09 -1.61 0.39
#